data_1T8U
#
_entry.id   1T8U
#
_cell.length_a   80.806
_cell.length_b   154.525
_cell.length_c   91.931
_cell.angle_alpha   90.00
_cell.angle_beta   90.00
_cell.angle_gamma   90.00
#
_symmetry.space_group_name_H-M   'C 2 2 21'
#
loop_
_entity.id
_entity.type
_entity.pdbx_description
1 polymer 'heparan sulfate D-glucosaminyl 3-O-sulfotransferase 3A1'
2 branched '4-deoxy-2-O-sulfo-alpha-L-threo-hex-4-enopyranuronic acid-(1-4)-2-deoxy-6-O-sulfo-2-(sulfoamino)-alpha-D-glucopyranose-(1-4)-2-O-sulfo-alpha-L-idopyranuronic acid-(1-4)-2-deoxy-6-O-sulfo-2-(sulfoamino)-alpha-D-glucopyranose'
3 non-polymer 'SULFATE ION'
4 non-polymer 'SODIUM ION'
5 non-polymer "ADENOSINE-3'-5'-DIPHOSPHATE"
6 water water
#
_entity_poly.entity_id   1
_entity_poly.type   'polypeptide(L)'
_entity_poly.pdbx_seq_one_letter_code
;GPNSGTLALLLDEGSKQLPQAIIIGVKKGGTRALLEFLRVHPDVRAVGAEPHFFDRSYDKGLAWYRDLMPRTLDGQITME
KTPSYFVTREAPARISAMSKDTKLIVVVRDPVTRAISDYTQTLSKRPDIPTFESLTFKNRTAGLIDTSWSAIQIGIYAKH
LEHWLRHFPIRQMLFVSGERLISDPAGELGRVQDFLGLKRIITDKHFYFNKTKGFPCLKKAEGSSRPHCLGKTKGRTHPE
IDREVVRRLREFYRPFNLKFYQMTGHDFGWDG
;
_entity_poly.pdbx_strand_id   A,B
#
# COMPACT_ATOMS: atom_id res chain seq x y z
N PRO A 2 1.09 -16.23 -3.58
CA PRO A 2 1.67 -16.20 -2.22
C PRO A 2 2.62 -17.38 -1.99
N ASN A 3 3.45 -17.28 -0.96
CA ASN A 3 4.40 -18.34 -0.65
C ASN A 3 3.94 -19.21 0.51
N SER A 4 4.65 -20.31 0.72
CA SER A 4 4.33 -21.25 1.80
C SER A 4 3.99 -20.56 3.12
N GLY A 5 5.00 -19.99 3.77
CA GLY A 5 4.79 -19.32 5.04
C GLY A 5 3.61 -18.37 5.05
N THR A 6 3.51 -17.52 4.04
CA THR A 6 2.43 -16.55 3.93
C THR A 6 1.08 -17.25 3.90
N LEU A 7 0.92 -18.18 2.97
CA LEU A 7 -0.33 -18.94 2.81
C LEU A 7 -0.78 -19.50 4.16
N ALA A 8 0.02 -20.41 4.72
CA ALA A 8 -0.28 -21.04 6.00
C ALA A 8 -0.74 -20.04 7.06
N LEU A 9 -0.02 -18.93 7.18
CA LEU A 9 -0.34 -17.89 8.15
C LEU A 9 -1.84 -17.56 8.19
N LEU A 10 -2.41 -17.27 7.03
CA LEU A 10 -3.82 -16.94 6.93
C LEU A 10 -4.72 -18.14 7.23
N LEU A 11 -4.17 -19.34 7.06
CA LEU A 11 -4.93 -20.57 7.30
C LEU A 11 -4.95 -20.90 8.79
N ASP A 12 -4.10 -20.25 9.57
CA ASP A 12 -4.02 -20.51 11.00
C ASP A 12 -4.50 -19.35 11.87
N GLU A 13 -4.16 -18.13 11.47
CA GLU A 13 -4.55 -16.95 12.25
C GLU A 13 -5.61 -16.11 11.51
N GLY A 14 -5.84 -16.43 10.25
CA GLY A 14 -6.82 -15.70 9.47
C GLY A 14 -8.20 -16.30 9.61
N SER A 15 -9.22 -15.45 9.71
CA SER A 15 -10.60 -15.91 9.85
C SER A 15 -11.56 -14.89 9.24
N LYS A 16 -12.72 -15.38 8.81
CA LYS A 16 -13.73 -14.54 8.19
C LYS A 16 -14.66 -13.89 9.20
N GLN A 17 -14.86 -12.58 9.05
CA GLN A 17 -15.74 -11.84 9.93
C GLN A 17 -16.87 -11.24 9.11
N LEU A 18 -18.01 -10.99 9.75
CA LEU A 18 -19.12 -10.34 9.06
C LEU A 18 -18.66 -8.88 9.00
N PRO A 19 -19.05 -8.14 7.96
CA PRO A 19 -18.64 -6.73 7.81
C PRO A 19 -18.92 -5.85 9.03
N GLN A 20 -17.91 -5.15 9.53
CA GLN A 20 -18.11 -4.24 10.65
C GLN A 20 -18.56 -2.90 10.09
N ALA A 21 -18.27 -2.68 8.81
CA ALA A 21 -18.65 -1.44 8.15
C ALA A 21 -19.12 -1.74 6.73
N ILE A 22 -20.16 -1.02 6.31
CA ILE A 22 -20.72 -1.21 4.99
C ILE A 22 -20.98 0.11 4.28
N ILE A 23 -20.64 0.16 2.99
CA ILE A 23 -20.93 1.34 2.18
C ILE A 23 -22.28 0.96 1.61
N ILE A 24 -23.33 1.61 2.10
CA ILE A 24 -24.70 1.30 1.70
C ILE A 24 -25.34 2.11 0.57
N GLY A 25 -24.62 3.14 0.09
CA GLY A 25 -25.13 3.98 -0.99
C GLY A 25 -24.23 5.19 -1.20
N VAL A 26 -24.59 6.11 -2.11
CA VAL A 26 -25.82 5.98 -2.89
C VAL A 26 -25.41 5.59 -4.30
N LYS A 27 -26.35 5.10 -5.09
CA LYS A 27 -26.03 4.70 -6.45
C LYS A 27 -25.51 5.92 -7.22
N LYS A 28 -24.36 5.73 -7.86
CA LYS A 28 -23.67 6.76 -8.64
C LYS A 28 -23.04 7.86 -7.77
N GLY A 29 -22.99 7.65 -6.46
CA GLY A 29 -22.42 8.65 -5.58
C GLY A 29 -20.89 8.66 -5.60
N GLY A 30 -20.32 7.51 -5.94
CA GLY A 30 -18.87 7.34 -5.99
C GLY A 30 -18.48 6.22 -5.03
N THR A 31 -19.33 5.20 -4.94
CA THR A 31 -19.07 4.08 -4.05
C THR A 31 -17.89 3.22 -4.45
N ARG A 32 -17.69 3.02 -5.75
CA ARG A 32 -16.57 2.20 -6.18
C ARG A 32 -15.27 2.90 -5.85
N ALA A 33 -15.23 4.20 -6.12
CA ALA A 33 -14.04 4.99 -5.88
C ALA A 33 -13.66 4.91 -4.39
N LEU A 34 -14.62 5.20 -3.52
CA LEU A 34 -14.34 5.15 -2.10
C LEU A 34 -13.80 3.79 -1.64
N LEU A 35 -14.46 2.71 -2.08
CA LEU A 35 -14.02 1.39 -1.68
C LEU A 35 -12.61 1.07 -2.18
N GLU A 36 -12.33 1.36 -3.45
CA GLU A 36 -11.01 1.09 -4.00
C GLU A 36 -9.94 1.87 -3.25
N PHE A 37 -10.24 3.13 -2.91
CA PHE A 37 -9.28 3.95 -2.19
C PHE A 37 -9.04 3.39 -0.79
N LEU A 38 -10.13 3.00 -0.13
CA LEU A 38 -10.05 2.47 1.23
C LEU A 38 -9.25 1.17 1.27
N ARG A 39 -9.35 0.37 0.22
CA ARG A 39 -8.63 -0.91 0.16
C ARG A 39 -7.11 -0.77 0.21
N VAL A 40 -6.61 0.45 0.06
CA VAL A 40 -5.16 0.67 0.10
C VAL A 40 -4.66 0.49 1.54
N HIS A 41 -5.52 0.80 2.51
CA HIS A 41 -5.19 0.70 3.93
C HIS A 41 -4.87 -0.74 4.35
N PRO A 42 -3.78 -0.93 5.11
CA PRO A 42 -3.42 -2.29 5.54
C PRO A 42 -4.44 -2.98 6.44
N ASP A 43 -5.26 -2.20 7.14
CA ASP A 43 -6.27 -2.76 8.04
C ASP A 43 -7.67 -2.84 7.45
N VAL A 44 -7.76 -2.89 6.13
CA VAL A 44 -9.06 -3.00 5.46
C VAL A 44 -9.05 -4.12 4.43
N ARG A 45 -10.05 -4.98 4.48
CA ARG A 45 -10.20 -6.07 3.52
C ARG A 45 -11.65 -5.94 3.09
N ALA A 46 -11.91 -6.09 1.79
CA ALA A 46 -13.26 -5.95 1.30
C ALA A 46 -13.63 -6.93 0.22
N VAL A 47 -14.92 -7.25 0.13
CA VAL A 47 -15.41 -8.16 -0.90
C VAL A 47 -15.25 -7.36 -2.19
N GLY A 48 -14.73 -8.01 -3.23
CA GLY A 48 -14.53 -7.33 -4.50
C GLY A 48 -15.82 -6.90 -5.19
N ALA A 49 -16.76 -7.83 -5.32
CA ALA A 49 -18.04 -7.53 -5.97
C ALA A 49 -19.08 -6.98 -5.00
N GLU A 50 -20.19 -6.50 -5.55
CA GLU A 50 -21.30 -5.99 -4.75
C GLU A 50 -22.10 -7.20 -4.29
N PRO A 51 -22.08 -7.50 -2.98
CA PRO A 51 -22.80 -8.65 -2.43
C PRO A 51 -24.31 -8.66 -2.68
N HIS A 52 -24.96 -7.51 -2.49
CA HIS A 52 -26.41 -7.43 -2.68
C HIS A 52 -27.08 -8.48 -1.79
N PHE A 53 -26.54 -8.65 -0.59
CA PHE A 53 -27.07 -9.62 0.35
C PHE A 53 -28.34 -9.15 1.05
N PHE A 54 -28.31 -7.92 1.56
CA PHE A 54 -29.45 -7.39 2.29
C PHE A 54 -30.62 -6.92 1.43
N ASP A 55 -30.43 -6.91 0.12
CA ASP A 55 -31.49 -6.50 -0.77
C ASP A 55 -31.98 -7.63 -1.69
N ARG A 56 -31.06 -8.38 -2.28
CA ARG A 56 -31.44 -9.44 -3.21
C ARG A 56 -31.28 -10.88 -2.73
N SER A 57 -30.15 -11.17 -2.07
CA SER A 57 -29.86 -12.53 -1.63
C SER A 57 -29.95 -12.81 -0.14
N TYR A 58 -30.86 -12.12 0.54
CA TYR A 58 -31.03 -12.33 1.97
C TYR A 58 -31.44 -13.77 2.25
N ASP A 59 -32.15 -14.38 1.30
CA ASP A 59 -32.63 -15.75 1.45
C ASP A 59 -31.49 -16.76 1.45
N LYS A 60 -30.25 -16.29 1.45
CA LYS A 60 -29.10 -17.20 1.43
C LYS A 60 -28.44 -17.42 2.79
N GLY A 61 -28.90 -16.67 3.79
CA GLY A 61 -28.35 -16.84 5.12
C GLY A 61 -27.06 -16.09 5.41
N LEU A 62 -26.86 -15.79 6.69
CA LEU A 62 -25.69 -15.07 7.16
C LEU A 62 -24.40 -15.88 6.98
N ALA A 63 -24.54 -17.19 6.90
CA ALA A 63 -23.37 -18.05 6.73
C ALA A 63 -22.84 -17.91 5.31
N TRP A 64 -23.74 -17.73 4.36
CA TRP A 64 -23.37 -17.56 2.96
C TRP A 64 -22.69 -16.21 2.80
N TYR A 65 -23.15 -15.25 3.59
CA TYR A 65 -22.61 -13.90 3.56
C TYR A 65 -21.19 -13.88 4.12
N ARG A 66 -20.99 -14.51 5.27
CA ARG A 66 -19.68 -14.56 5.92
C ARG A 66 -18.62 -15.24 5.04
N ASP A 67 -18.99 -16.33 4.37
CA ASP A 67 -18.03 -17.04 3.53
C ASP A 67 -17.60 -16.19 2.34
N LEU A 68 -18.41 -15.19 2.02
CA LEU A 68 -18.13 -14.29 0.91
C LEU A 68 -17.07 -13.29 1.36
N MET A 69 -16.97 -13.09 2.66
CA MET A 69 -16.01 -12.16 3.23
C MET A 69 -14.58 -12.68 3.12
N PRO A 70 -13.61 -11.78 2.94
CA PRO A 70 -12.21 -12.22 2.85
C PRO A 70 -11.68 -12.53 4.24
N ARG A 71 -10.66 -13.37 4.33
CA ARG A 71 -10.05 -13.70 5.62
C ARG A 71 -9.30 -12.49 6.14
N THR A 72 -9.39 -12.24 7.44
CA THR A 72 -8.71 -11.10 8.02
C THR A 72 -7.90 -11.44 9.26
N LEU A 73 -6.85 -10.66 9.49
CA LEU A 73 -6.01 -10.82 10.66
C LEU A 73 -6.55 -9.86 11.70
N ASP A 74 -6.32 -10.16 12.97
CA ASP A 74 -6.81 -9.31 14.04
C ASP A 74 -6.39 -7.86 13.82
N GLY A 75 -7.37 -6.96 13.85
CA GLY A 75 -7.10 -5.55 13.65
C GLY A 75 -7.64 -5.05 12.32
N GLN A 76 -7.89 -5.97 11.40
CA GLN A 76 -8.41 -5.61 10.09
C GLN A 76 -9.92 -5.55 10.07
N ILE A 77 -10.44 -4.52 9.40
CA ILE A 77 -11.87 -4.34 9.25
C ILE A 77 -12.31 -5.04 7.98
N THR A 78 -13.49 -5.64 8.01
CA THR A 78 -14.04 -6.33 6.87
C THR A 78 -15.14 -5.44 6.31
N MET A 79 -15.13 -5.20 4.99
CA MET A 79 -16.11 -4.33 4.37
C MET A 79 -16.66 -4.83 3.05
N GLU A 80 -17.76 -4.22 2.63
CA GLU A 80 -18.41 -4.54 1.37
C GLU A 80 -19.22 -3.32 1.00
N LYS A 81 -19.59 -3.21 -0.28
CA LYS A 81 -20.40 -2.09 -0.72
C LYS A 81 -21.47 -2.55 -1.70
N THR A 82 -22.70 -2.09 -1.45
CA THR A 82 -23.86 -2.38 -2.29
C THR A 82 -24.63 -1.06 -2.24
N PRO A 83 -24.58 -0.27 -3.33
CA PRO A 83 -25.23 1.04 -3.47
C PRO A 83 -26.75 1.07 -3.26
N SER A 84 -27.41 -0.05 -3.53
CA SER A 84 -28.85 -0.15 -3.41
C SER A 84 -29.38 -0.31 -1.98
N TYR A 85 -28.52 -0.68 -1.04
CA TYR A 85 -28.96 -0.87 0.35
C TYR A 85 -29.70 0.36 0.87
N PHE A 86 -29.12 1.53 0.65
CA PHE A 86 -29.70 2.79 1.11
C PHE A 86 -31.18 2.96 0.80
N VAL A 87 -31.63 2.52 -0.37
CA VAL A 87 -33.03 2.66 -0.74
C VAL A 87 -33.83 1.36 -0.66
N THR A 88 -33.28 0.37 0.02
CA THR A 88 -33.96 -0.91 0.20
C THR A 88 -34.73 -0.87 1.52
N ARG A 89 -36.06 -0.84 1.43
CA ARG A 89 -36.92 -0.75 2.60
C ARG A 89 -36.56 -1.66 3.78
N GLU A 90 -36.25 -2.92 3.50
CA GLU A 90 -35.93 -3.86 4.58
C GLU A 90 -34.47 -3.89 5.02
N ALA A 91 -33.62 -3.15 4.31
CA ALA A 91 -32.19 -3.14 4.64
C ALA A 91 -31.86 -2.68 6.05
N PRO A 92 -32.41 -1.55 6.50
CA PRO A 92 -32.12 -1.06 7.85
C PRO A 92 -32.35 -2.10 8.93
N ALA A 93 -33.52 -2.73 8.88
CA ALA A 93 -33.89 -3.75 9.85
C ALA A 93 -32.99 -4.98 9.79
N ARG A 94 -32.71 -5.45 8.58
CA ARG A 94 -31.86 -6.63 8.41
C ARG A 94 -30.43 -6.43 8.87
N ILE A 95 -29.83 -5.30 8.49
CA ILE A 95 -28.46 -5.03 8.90
C ILE A 95 -28.34 -4.91 10.41
N SER A 96 -29.28 -4.19 11.03
CA SER A 96 -29.26 -4.01 12.48
C SER A 96 -29.33 -5.37 13.16
N ALA A 97 -30.16 -6.25 12.61
CA ALA A 97 -30.33 -7.60 13.17
C ALA A 97 -29.00 -8.35 13.16
N MET A 98 -28.19 -8.13 12.13
CA MET A 98 -26.89 -8.78 12.04
C MET A 98 -26.08 -8.24 13.20
N SER A 99 -26.09 -6.91 13.32
CA SER A 99 -25.38 -6.23 14.39
C SER A 99 -25.81 -4.76 14.44
N LYS A 100 -26.25 -4.33 15.61
CA LYS A 100 -26.69 -2.95 15.80
C LYS A 100 -25.50 -2.01 15.81
N ASP A 101 -24.30 -2.57 15.98
CA ASP A 101 -23.09 -1.76 16.03
C ASP A 101 -22.46 -1.54 14.65
N THR A 102 -23.11 -2.02 13.60
CA THR A 102 -22.58 -1.87 12.25
C THR A 102 -22.43 -0.41 11.86
N LYS A 103 -21.26 -0.04 11.35
CA LYS A 103 -21.03 1.32 10.91
C LYS A 103 -21.51 1.41 9.46
N LEU A 104 -22.16 2.52 9.13
CA LEU A 104 -22.70 2.73 7.79
C LEU A 104 -22.12 3.96 7.14
N ILE A 105 -21.69 3.82 5.89
CA ILE A 105 -21.12 4.92 5.14
C ILE A 105 -21.97 5.16 3.91
N VAL A 106 -22.28 6.43 3.63
CA VAL A 106 -23.08 6.76 2.47
C VAL A 106 -22.36 7.83 1.69
N VAL A 107 -22.06 7.54 0.42
CA VAL A 107 -21.39 8.52 -0.43
C VAL A 107 -22.50 9.23 -1.18
N VAL A 108 -22.74 10.49 -0.82
CA VAL A 108 -23.79 11.26 -1.47
C VAL A 108 -23.23 12.18 -2.55
N ARG A 109 -24.11 12.56 -3.47
CA ARG A 109 -23.74 13.40 -4.61
C ARG A 109 -24.89 14.35 -4.92
N ASP A 110 -24.60 15.48 -5.54
CA ASP A 110 -25.63 16.43 -5.92
C ASP A 110 -26.72 15.56 -6.54
N PRO A 111 -27.94 15.59 -5.97
CA PRO A 111 -29.06 14.79 -6.49
C PRO A 111 -29.31 14.95 -7.99
N VAL A 112 -29.05 16.14 -8.52
CA VAL A 112 -29.25 16.36 -9.95
C VAL A 112 -28.19 15.64 -10.78
N THR A 113 -26.91 15.83 -10.49
CA THR A 113 -25.88 15.13 -11.26
C THR A 113 -25.95 13.62 -11.04
N ARG A 114 -26.43 13.20 -9.87
CA ARG A 114 -26.54 11.76 -9.59
C ARG A 114 -27.64 11.16 -10.47
N ALA A 115 -28.75 11.88 -10.61
CA ALA A 115 -29.88 11.45 -11.44
C ALA A 115 -29.41 11.32 -12.90
N ILE A 116 -28.69 12.33 -13.38
CA ILE A 116 -28.20 12.30 -14.76
C ILE A 116 -27.19 11.17 -14.93
N SER A 117 -26.38 10.92 -13.91
CA SER A 117 -25.39 9.84 -13.95
C SER A 117 -26.14 8.50 -14.00
N ASP A 118 -27.18 8.39 -13.19
CA ASP A 118 -28.00 7.18 -13.12
C ASP A 118 -28.59 6.94 -14.53
N TYR A 119 -29.15 8.00 -15.11
CA TYR A 119 -29.73 7.95 -16.44
C TYR A 119 -28.69 7.53 -17.49
N THR A 120 -27.51 8.14 -17.41
CA THR A 120 -26.43 7.85 -18.35
C THR A 120 -26.01 6.38 -18.31
N GLN A 121 -26.03 5.78 -17.13
CA GLN A 121 -25.66 4.38 -17.00
C GLN A 121 -26.70 3.49 -17.67
N THR A 122 -27.98 3.86 -17.53
CA THR A 122 -29.04 3.10 -18.15
C THR A 122 -28.95 3.25 -19.67
N LEU A 123 -28.61 4.45 -20.13
CA LEU A 123 -28.47 4.72 -21.55
C LEU A 123 -27.38 3.82 -22.16
N SER A 124 -26.30 3.61 -21.42
CA SER A 124 -25.20 2.77 -21.90
C SER A 124 -25.69 1.33 -22.06
N LYS A 125 -26.70 0.95 -21.28
CA LYS A 125 -27.23 -0.40 -21.35
C LYS A 125 -28.39 -0.52 -22.32
N ARG A 126 -29.13 0.57 -22.54
CA ARG A 126 -30.26 0.59 -23.45
C ARG A 126 -30.29 1.95 -24.12
N PRO A 127 -29.55 2.07 -25.23
CA PRO A 127 -29.41 3.30 -26.04
C PRO A 127 -30.72 3.84 -26.58
N ASP A 128 -31.78 3.06 -26.56
CA ASP A 128 -33.05 3.53 -27.09
C ASP A 128 -34.01 4.19 -26.11
N ILE A 129 -33.59 4.38 -24.86
CA ILE A 129 -34.46 5.01 -23.89
C ILE A 129 -34.69 6.48 -24.26
N PRO A 130 -35.83 7.06 -23.83
CA PRO A 130 -36.12 8.46 -24.15
C PRO A 130 -35.06 9.38 -23.54
N THR A 131 -35.17 10.66 -23.84
CA THR A 131 -34.23 11.65 -23.33
C THR A 131 -34.41 11.81 -21.82
N PHE A 132 -33.38 12.32 -21.16
CA PHE A 132 -33.45 12.54 -19.72
C PHE A 132 -34.57 13.53 -19.45
N GLU A 133 -34.66 14.55 -20.30
CA GLU A 133 -35.69 15.56 -20.16
C GLU A 133 -37.09 14.95 -20.23
N SER A 134 -37.28 14.00 -21.14
CA SER A 134 -38.58 13.35 -21.29
C SER A 134 -38.98 12.56 -20.06
N LEU A 135 -38.04 11.83 -19.49
CA LEU A 135 -38.31 11.01 -18.31
C LEU A 135 -38.51 11.81 -17.03
N THR A 136 -37.88 12.97 -16.95
CA THR A 136 -37.97 13.82 -15.77
C THR A 136 -39.39 14.32 -15.49
N PHE A 137 -40.14 14.61 -16.55
CA PHE A 137 -41.48 15.15 -16.38
C PHE A 137 -42.66 14.20 -16.61
N LYS A 138 -43.52 14.12 -15.60
CA LYS A 138 -44.72 13.30 -15.68
C LYS A 138 -45.67 14.06 -16.59
N ASN A 139 -45.59 15.39 -16.51
CA ASN A 139 -46.42 16.26 -17.32
C ASN A 139 -45.60 16.95 -18.40
N GLY A 143 -45.39 19.99 -16.52
CA GLY A 143 -44.47 20.73 -15.68
C GLY A 143 -44.27 20.06 -14.32
N LEU A 144 -44.90 18.91 -14.13
CA LEU A 144 -44.78 18.16 -12.88
C LEU A 144 -43.70 17.09 -12.99
N ILE A 145 -42.78 17.10 -12.05
CA ILE A 145 -41.68 16.14 -12.02
C ILE A 145 -42.19 14.75 -11.65
N ASP A 146 -41.75 13.75 -12.41
CA ASP A 146 -42.16 12.37 -12.15
C ASP A 146 -41.34 11.76 -11.03
N THR A 147 -41.78 11.98 -9.79
CA THR A 147 -41.08 11.48 -8.61
C THR A 147 -41.14 9.96 -8.48
N SER A 148 -41.97 9.31 -9.29
CA SER A 148 -42.04 7.86 -9.23
C SER A 148 -40.83 7.26 -9.98
N TRP A 149 -40.10 8.11 -10.70
CA TRP A 149 -38.92 7.65 -11.43
C TRP A 149 -37.80 7.41 -10.44
N SER A 150 -37.25 6.20 -10.43
CA SER A 150 -36.18 5.86 -9.49
C SER A 150 -35.03 6.86 -9.51
N ALA A 151 -34.64 7.31 -10.70
CA ALA A 151 -33.52 8.26 -10.81
C ALA A 151 -33.77 9.50 -9.95
N ILE A 152 -35.03 9.91 -9.84
CA ILE A 152 -35.38 11.07 -9.05
C ILE A 152 -35.52 10.69 -7.57
N GLN A 153 -36.21 9.59 -7.31
CA GLN A 153 -36.45 9.11 -5.96
C GLN A 153 -35.20 8.82 -5.13
N ILE A 154 -34.20 8.20 -5.74
CA ILE A 154 -32.98 7.90 -5.01
C ILE A 154 -32.31 9.17 -4.48
N GLY A 155 -32.48 10.28 -5.20
CA GLY A 155 -31.88 11.54 -4.78
C GLY A 155 -32.47 12.22 -3.56
N ILE A 156 -33.65 11.79 -3.10
CA ILE A 156 -34.27 12.39 -1.92
C ILE A 156 -33.68 11.73 -0.68
N TYR A 157 -32.40 12.04 -0.43
CA TYR A 157 -31.66 11.46 0.68
C TYR A 157 -32.33 11.56 2.05
N ALA A 158 -32.86 12.74 2.38
CA ALA A 158 -33.51 12.94 3.67
C ALA A 158 -34.57 11.88 3.92
N LYS A 159 -35.36 11.58 2.90
CA LYS A 159 -36.43 10.60 3.00
C LYS A 159 -35.90 9.23 3.39
N HIS A 160 -34.85 8.79 2.73
CA HIS A 160 -34.28 7.48 3.01
C HIS A 160 -33.57 7.49 4.36
N LEU A 161 -32.90 8.59 4.68
CA LEU A 161 -32.20 8.70 5.96
C LEU A 161 -33.15 8.52 7.16
N GLU A 162 -34.35 9.09 7.08
CA GLU A 162 -35.30 8.94 8.18
C GLU A 162 -35.58 7.47 8.49
N HIS A 163 -35.64 6.64 7.45
CA HIS A 163 -35.88 5.22 7.65
C HIS A 163 -34.71 4.58 8.39
N TRP A 164 -33.49 4.90 7.96
CA TRP A 164 -32.32 4.34 8.60
C TRP A 164 -32.20 4.78 10.06
N LEU A 165 -32.54 6.03 10.34
CA LEU A 165 -32.46 6.54 11.70
C LEU A 165 -33.44 5.87 12.67
N ARG A 166 -34.29 5.00 12.15
CA ARG A 166 -35.25 4.28 12.98
C ARG A 166 -34.60 2.98 13.47
N HIS A 167 -33.41 2.70 12.95
CA HIS A 167 -32.69 1.49 13.30
C HIS A 167 -31.23 1.73 13.68
N PHE A 168 -30.75 2.94 13.45
CA PHE A 168 -29.37 3.28 13.74
C PHE A 168 -29.22 4.71 14.24
N PRO A 169 -28.22 4.96 15.11
CA PRO A 169 -27.94 6.29 15.67
C PRO A 169 -27.18 7.05 14.58
N ILE A 170 -27.42 8.34 14.45
CA ILE A 170 -26.73 9.11 13.43
C ILE A 170 -25.20 8.98 13.54
N ARG A 171 -24.70 8.78 14.77
CA ARG A 171 -23.26 8.65 14.96
C ARG A 171 -22.63 7.43 14.31
N GLN A 172 -23.44 6.42 13.96
CA GLN A 172 -22.91 5.23 13.30
C GLN A 172 -23.03 5.36 11.79
N MET A 173 -23.33 6.56 11.31
CA MET A 173 -23.46 6.81 9.88
C MET A 173 -22.54 7.93 9.46
N LEU A 174 -21.83 7.71 8.35
CA LEU A 174 -20.91 8.72 7.82
C LEU A 174 -21.35 9.11 6.42
N PHE A 175 -21.51 10.39 6.18
CA PHE A 175 -21.94 10.87 4.88
C PHE A 175 -20.75 11.52 4.20
N VAL A 176 -20.27 10.84 3.16
CA VAL A 176 -19.12 11.25 2.38
C VAL A 176 -19.50 12.11 1.20
N SER A 177 -18.76 13.20 1.01
CA SER A 177 -19.03 14.11 -0.10
C SER A 177 -18.50 13.51 -1.40
N GLY A 178 -19.40 13.14 -2.31
CA GLY A 178 -18.99 12.58 -3.58
C GLY A 178 -18.17 13.58 -4.39
N GLU A 179 -18.51 14.86 -4.26
CA GLU A 179 -17.79 15.89 -5.00
C GLU A 179 -16.38 16.07 -4.47
N ARG A 180 -16.22 16.08 -3.15
N ARG A 180 -16.23 16.06 -3.15
CA ARG A 180 -14.90 16.25 -2.56
CA ARG A 180 -14.92 16.24 -2.57
C ARG A 180 -14.05 14.99 -2.73
C ARG A 180 -14.07 14.99 -2.74
N LEU A 181 -14.72 13.85 -2.89
CA LEU A 181 -14.01 12.60 -3.10
C LEU A 181 -13.22 12.75 -4.39
N ILE A 182 -13.77 13.56 -5.30
CA ILE A 182 -13.14 13.82 -6.58
C ILE A 182 -12.12 14.95 -6.48
N SER A 183 -12.50 16.05 -5.85
CA SER A 183 -11.61 17.20 -5.74
C SER A 183 -10.53 17.08 -4.67
N ASP A 184 -10.81 16.32 -3.61
CA ASP A 184 -9.83 16.15 -2.54
C ASP A 184 -9.94 14.78 -1.90
N PRO A 185 -9.59 13.73 -2.65
CA PRO A 185 -9.67 12.35 -2.14
C PRO A 185 -9.06 12.11 -0.76
N ALA A 186 -7.83 12.58 -0.53
CA ALA A 186 -7.19 12.41 0.77
C ALA A 186 -8.00 13.05 1.89
N GLY A 187 -8.59 14.21 1.59
CA GLY A 187 -9.40 14.89 2.59
C GLY A 187 -10.55 14.01 3.06
N GLU A 188 -11.40 13.57 2.14
CA GLU A 188 -12.52 12.71 2.50
C GLU A 188 -12.08 11.39 3.13
N LEU A 189 -11.01 10.80 2.62
CA LEU A 189 -10.54 9.54 3.15
C LEU A 189 -10.06 9.72 4.59
N GLY A 190 -9.64 10.93 4.92
CA GLY A 190 -9.20 11.21 6.28
C GLY A 190 -10.38 11.06 7.22
N ARG A 191 -11.51 11.68 6.85
CA ARG A 191 -12.73 11.61 7.65
C ARG A 191 -13.19 10.16 7.78
N VAL A 192 -13.13 9.43 6.67
CA VAL A 192 -13.55 8.05 6.63
C VAL A 192 -12.70 7.18 7.56
N GLN A 193 -11.38 7.35 7.49
CA GLN A 193 -10.48 6.56 8.33
C GLN A 193 -10.73 6.85 9.82
N ASP A 194 -10.99 8.12 10.15
CA ASP A 194 -11.26 8.44 11.57
C ASP A 194 -12.56 7.76 11.98
N PHE A 195 -13.59 7.91 11.16
CA PHE A 195 -14.90 7.31 11.44
C PHE A 195 -14.80 5.80 11.66
N LEU A 196 -13.94 5.15 10.89
CA LEU A 196 -13.77 3.71 11.00
C LEU A 196 -12.77 3.29 12.08
N GLY A 197 -12.14 4.27 12.73
CA GLY A 197 -11.18 3.96 13.78
C GLY A 197 -9.86 3.45 13.22
N LEU A 198 -9.53 3.88 12.00
CA LEU A 198 -8.30 3.47 11.35
C LEU A 198 -7.29 4.59 11.40
N LYS A 199 -6.03 4.24 11.59
CA LYS A 199 -4.98 5.24 11.64
C LYS A 199 -4.99 5.91 10.27
N ARG A 200 -4.74 7.23 10.23
CA ARG A 200 -4.74 7.95 8.97
C ARG A 200 -3.51 7.61 8.14
N ILE A 201 -3.64 6.62 7.27
CA ILE A 201 -2.53 6.21 6.42
C ILE A 201 -2.71 6.71 5.00
N ILE A 202 -3.90 6.47 4.43
CA ILE A 202 -4.20 6.91 3.09
C ILE A 202 -4.06 8.43 3.10
N THR A 203 -3.17 8.95 2.26
CA THR A 203 -2.92 10.38 2.21
C THR A 203 -2.79 10.91 0.79
N ASP A 204 -2.48 12.20 0.68
CA ASP A 204 -2.35 12.86 -0.62
C ASP A 204 -1.45 12.13 -1.63
N LYS A 205 -0.31 11.62 -1.16
CA LYS A 205 0.63 10.92 -2.03
C LYS A 205 0.09 9.63 -2.65
N HIS A 206 -1.05 9.13 -2.15
CA HIS A 206 -1.63 7.91 -2.70
C HIS A 206 -2.43 8.17 -3.98
N PHE A 207 -2.58 9.45 -4.33
CA PHE A 207 -3.34 9.81 -5.51
C PHE A 207 -2.53 10.54 -6.57
N TYR A 208 -3.06 10.51 -7.80
CA TYR A 208 -2.43 11.13 -8.95
C TYR A 208 -3.58 11.55 -9.88
N PHE A 209 -3.67 12.83 -10.18
CA PHE A 209 -4.74 13.28 -11.06
C PHE A 209 -4.45 12.96 -12.51
N ASN A 210 -5.39 12.28 -13.16
CA ASN A 210 -5.27 11.90 -14.56
C ASN A 210 -6.03 12.92 -15.41
N LYS A 211 -5.29 13.80 -16.06
CA LYS A 211 -5.88 14.84 -16.91
C LYS A 211 -6.79 14.23 -17.99
N THR A 212 -6.25 13.23 -18.68
CA THR A 212 -6.99 12.56 -19.74
C THR A 212 -8.37 12.08 -19.28
N LYS A 213 -8.41 11.33 -18.19
CA LYS A 213 -9.67 10.81 -17.67
C LYS A 213 -10.49 11.87 -16.92
N GLY A 214 -9.80 12.88 -16.39
CA GLY A 214 -10.50 13.93 -15.67
C GLY A 214 -10.82 13.58 -14.22
N PHE A 215 -10.17 12.54 -13.70
CA PHE A 215 -10.39 12.13 -12.32
C PHE A 215 -9.10 11.68 -11.67
N PRO A 216 -9.05 11.68 -10.34
CA PRO A 216 -7.81 11.23 -9.71
C PRO A 216 -7.74 9.71 -9.85
N CYS A 217 -6.53 9.17 -9.73
CA CYS A 217 -6.33 7.73 -9.82
C CYS A 217 -5.42 7.34 -8.67
N LEU A 218 -5.37 6.05 -8.37
CA LEU A 218 -4.49 5.60 -7.29
C LEU A 218 -3.09 5.48 -7.89
N LYS A 219 -2.11 6.05 -7.20
CA LYS A 219 -0.72 5.98 -7.65
C LYS A 219 -0.31 4.51 -7.59
N LYS A 220 -0.84 3.81 -6.60
CA LYS A 220 -0.58 2.39 -6.40
C LYS A 220 -1.86 1.73 -5.87
N ALA A 221 -2.35 0.72 -6.56
CA ALA A 221 -3.57 0.06 -6.11
C ALA A 221 -3.25 -1.03 -5.11
N GLU A 222 -4.28 -1.52 -4.44
CA GLU A 222 -4.09 -2.58 -3.44
C GLU A 222 -3.57 -3.82 -4.16
N GLY A 223 -4.19 -4.13 -5.30
CA GLY A 223 -3.80 -5.31 -6.05
C GLY A 223 -2.77 -5.10 -7.13
N SER A 224 -1.95 -4.06 -7.00
CA SER A 224 -0.93 -3.79 -8.02
C SER A 224 0.18 -2.88 -7.54
N SER A 225 1.32 -2.95 -8.22
CA SER A 225 2.46 -2.09 -7.90
C SER A 225 2.36 -0.90 -8.85
N ARG A 226 1.44 -1.02 -9.80
CA ARG A 226 1.21 0.02 -10.80
C ARG A 226 0.06 0.93 -10.42
N PRO A 227 -0.04 2.10 -11.09
CA PRO A 227 -1.12 3.05 -10.82
C PRO A 227 -2.42 2.40 -11.24
N HIS A 228 -3.54 2.98 -10.82
CA HIS A 228 -4.82 2.40 -11.18
C HIS A 228 -5.90 3.47 -11.26
N CYS A 229 -6.50 3.60 -12.43
CA CYS A 229 -7.61 4.52 -12.61
C CYS A 229 -8.84 3.63 -12.70
N LEU A 230 -10.00 4.17 -12.30
CA LEU A 230 -11.23 3.39 -12.39
C LEU A 230 -11.54 3.15 -13.87
N GLY A 231 -12.27 2.08 -14.15
CA GLY A 231 -12.60 1.74 -15.52
C GLY A 231 -13.41 2.76 -16.31
N LYS A 232 -13.68 2.43 -17.57
CA LYS A 232 -14.45 3.29 -18.46
C LYS A 232 -15.90 3.51 -18.05
N THR A 233 -16.45 2.64 -17.21
CA THR A 233 -17.85 2.83 -16.79
C THR A 233 -17.93 3.78 -15.60
N LYS A 234 -16.78 4.22 -15.11
CA LYS A 234 -16.73 5.14 -13.98
C LYS A 234 -16.20 6.48 -14.49
N GLY A 235 -17.08 7.46 -14.60
CA GLY A 235 -16.71 8.76 -15.12
C GLY A 235 -17.23 8.88 -16.55
N ARG A 236 -18.47 8.47 -16.76
CA ARG A 236 -19.09 8.53 -18.09
C ARG A 236 -19.41 9.96 -18.48
N THR A 237 -19.38 10.22 -19.78
CA THR A 237 -19.72 11.54 -20.30
C THR A 237 -21.24 11.62 -20.21
N HIS A 238 -21.76 12.69 -19.62
CA HIS A 238 -23.21 12.85 -19.49
C HIS A 238 -23.75 13.60 -20.69
N PRO A 239 -25.01 13.34 -21.05
CA PRO A 239 -25.57 14.07 -22.19
C PRO A 239 -25.84 15.49 -21.68
N GLU A 240 -25.85 16.47 -22.58
CA GLU A 240 -26.10 17.86 -22.18
C GLU A 240 -27.59 17.97 -21.84
N ILE A 241 -27.89 18.42 -20.62
CA ILE A 241 -29.30 18.54 -20.22
C ILE A 241 -29.81 19.97 -20.36
N ASP A 242 -31.04 20.10 -20.81
CA ASP A 242 -31.68 21.40 -20.96
C ASP A 242 -31.58 22.19 -19.65
N ARG A 243 -31.08 23.41 -19.73
CA ARG A 243 -30.92 24.26 -18.54
C ARG A 243 -32.22 24.45 -17.75
N GLU A 244 -33.34 24.58 -18.44
CA GLU A 244 -34.60 24.76 -17.73
C GLU A 244 -34.93 23.51 -16.93
N VAL A 245 -34.56 22.35 -17.46
CA VAL A 245 -34.82 21.10 -16.77
C VAL A 245 -33.89 21.02 -15.55
N VAL A 246 -32.65 21.46 -15.72
CA VAL A 246 -31.70 21.45 -14.60
C VAL A 246 -32.21 22.38 -13.50
N ARG A 247 -32.71 23.55 -13.91
CA ARG A 247 -33.24 24.54 -12.97
C ARG A 247 -34.41 23.96 -12.16
N ARG A 248 -35.38 23.39 -12.85
CA ARG A 248 -36.54 22.81 -12.17
C ARG A 248 -36.16 21.65 -11.27
N LEU A 249 -35.19 20.84 -11.66
CA LEU A 249 -34.78 19.72 -10.83
C LEU A 249 -34.08 20.24 -9.58
N ARG A 250 -33.21 21.22 -9.75
CA ARG A 250 -32.51 21.78 -8.61
C ARG A 250 -33.52 22.38 -7.63
N GLU A 251 -34.49 23.12 -8.15
CA GLU A 251 -35.52 23.72 -7.32
C GLU A 251 -36.35 22.66 -6.57
N PHE A 252 -36.61 21.55 -7.24
CA PHE A 252 -37.39 20.46 -6.64
C PHE A 252 -36.61 19.86 -5.46
N TYR A 253 -35.34 19.57 -5.68
CA TYR A 253 -34.51 18.97 -4.64
C TYR A 253 -34.11 19.88 -3.48
N ARG A 254 -33.94 21.15 -3.76
CA ARG A 254 -33.49 22.10 -2.74
C ARG A 254 -34.06 21.96 -1.33
N PRO A 255 -35.40 21.94 -1.18
CA PRO A 255 -35.98 21.81 0.17
C PRO A 255 -35.47 20.54 0.88
N PHE A 256 -35.44 19.44 0.13
CA PHE A 256 -34.99 18.16 0.67
C PHE A 256 -33.49 18.21 1.00
N ASN A 257 -32.71 18.89 0.17
CA ASN A 257 -31.28 19.01 0.38
C ASN A 257 -30.99 19.74 1.69
N LEU A 258 -31.64 20.89 1.89
CA LEU A 258 -31.43 21.67 3.10
C LEU A 258 -31.84 20.89 4.33
N LYS A 259 -32.88 20.05 4.20
CA LYS A 259 -33.31 19.23 5.32
C LYS A 259 -32.22 18.20 5.60
N PHE A 260 -31.66 17.65 4.52
CA PHE A 260 -30.60 16.65 4.64
C PHE A 260 -29.37 17.24 5.35
N TYR A 261 -29.02 18.47 5.00
CA TYR A 261 -27.87 19.13 5.62
C TYR A 261 -28.11 19.22 7.12
N GLN A 262 -29.33 19.61 7.50
CA GLN A 262 -29.70 19.72 8.91
C GLN A 262 -29.62 18.40 9.65
N MET A 263 -30.15 17.34 9.05
CA MET A 263 -30.12 16.02 9.66
C MET A 263 -28.70 15.49 9.87
N THR A 264 -27.84 15.75 8.89
CA THR A 264 -26.47 15.25 8.95
C THR A 264 -25.48 16.23 9.58
N GLY A 265 -25.88 17.49 9.68
CA GLY A 265 -25.02 18.51 10.25
C GLY A 265 -23.94 18.97 9.29
N HIS A 266 -24.19 18.81 7.99
CA HIS A 266 -23.21 19.22 6.99
C HIS A 266 -23.84 19.72 5.70
N ASP A 267 -23.39 20.88 5.24
CA ASP A 267 -23.89 21.45 4.00
C ASP A 267 -22.97 20.94 2.89
N PHE A 268 -23.48 20.08 2.02
CA PHE A 268 -22.67 19.51 0.95
C PHE A 268 -22.44 20.43 -0.24
N GLY A 269 -22.99 21.65 -0.15
CA GLY A 269 -22.79 22.64 -1.19
C GLY A 269 -23.51 22.48 -2.52
N TRP A 270 -24.51 21.61 -2.59
CA TRP A 270 -25.22 21.42 -3.85
C TRP A 270 -26.10 22.59 -4.20
N ASP A 271 -26.31 23.48 -3.25
CA ASP A 271 -27.16 24.63 -3.45
C ASP A 271 -26.44 25.95 -3.23
N GLY A 272 -25.11 25.90 -3.14
CA GLY A 272 -24.35 27.11 -2.91
C GLY A 272 -24.14 27.34 -1.42
N PRO B 2 -4.31 -4.73 -15.69
CA PRO B 2 -4.76 -3.32 -15.62
C PRO B 2 -5.78 -3.02 -16.72
N ASN B 3 -6.22 -1.76 -16.77
CA ASN B 3 -7.19 -1.35 -17.78
C ASN B 3 -6.58 -0.34 -18.75
N SER B 4 -7.37 0.05 -19.75
CA SER B 4 -6.94 1.00 -20.77
C SER B 4 -6.39 2.30 -20.20
N GLY B 5 -7.24 3.07 -19.53
CA GLY B 5 -6.82 4.32 -18.94
C GLY B 5 -5.59 4.19 -18.07
N THR B 6 -5.52 3.11 -17.31
CA THR B 6 -4.38 2.86 -16.43
C THR B 6 -3.10 2.70 -17.24
N LEU B 7 -3.04 1.67 -18.09
CA LEU B 7 -1.87 1.43 -18.92
C LEU B 7 -1.51 2.67 -19.73
N ALA B 8 -2.49 3.18 -20.47
CA ALA B 8 -2.30 4.38 -21.28
C ALA B 8 -1.66 5.50 -20.47
N LEU B 9 -1.95 5.53 -19.17
CA LEU B 9 -1.42 6.55 -18.28
C LEU B 9 0.10 6.46 -18.15
N LEU B 10 0.60 5.28 -17.76
CA LEU B 10 2.03 5.08 -17.59
C LEU B 10 2.81 5.26 -18.89
N LEU B 11 2.27 4.71 -19.97
CA LEU B 11 2.89 4.79 -21.29
C LEU B 11 2.93 6.23 -21.80
N ASP B 12 2.04 7.07 -21.27
CA ASP B 12 1.97 8.46 -21.69
C ASP B 12 2.61 9.45 -20.72
N GLU B 13 2.30 9.32 -19.43
CA GLU B 13 2.82 10.24 -18.42
C GLU B 13 3.97 9.68 -17.59
N GLY B 14 4.29 8.40 -17.78
CA GLY B 14 5.38 7.81 -17.04
C GLY B 14 6.58 7.51 -17.92
N SER B 15 7.69 7.14 -17.31
CA SER B 15 8.90 6.80 -18.05
C SER B 15 9.84 6.03 -17.16
N LYS B 16 10.83 5.39 -17.77
CA LYS B 16 11.82 4.61 -17.03
C LYS B 16 13.00 5.51 -16.70
N GLN B 17 13.35 5.59 -15.44
CA GLN B 17 14.47 6.42 -15.01
C GLN B 17 15.52 5.62 -14.28
N LEU B 18 16.76 6.09 -14.31
CA LEU B 18 17.84 5.43 -13.60
C LEU B 18 17.46 5.61 -12.14
N PRO B 19 17.81 4.64 -11.28
CA PRO B 19 17.48 4.72 -9.85
C PRO B 19 18.11 5.91 -9.12
N GLN B 20 17.29 6.67 -8.40
CA GLN B 20 17.79 7.82 -7.63
C GLN B 20 18.33 7.35 -6.28
N ALA B 21 18.01 6.11 -5.90
CA ALA B 21 18.46 5.54 -4.64
C ALA B 21 18.71 4.06 -4.83
N ILE B 22 19.79 3.56 -4.22
CA ILE B 22 20.17 2.17 -4.33
C ILE B 22 20.58 1.58 -2.99
N ILE B 23 20.07 0.39 -2.69
CA ILE B 23 20.46 -0.30 -1.47
C ILE B 23 21.66 -1.11 -1.96
N ILE B 24 22.86 -0.69 -1.56
CA ILE B 24 24.10 -1.32 -2.02
C ILE B 24 24.70 -2.43 -1.16
N GLY B 25 24.09 -2.70 -0.01
CA GLY B 25 24.61 -3.75 0.86
C GLY B 25 23.93 -3.69 2.22
N VAL B 26 24.36 -4.55 3.15
CA VAL B 26 25.40 -5.54 2.92
C VAL B 26 24.74 -6.90 2.81
N LYS B 27 25.45 -7.88 2.26
CA LYS B 27 24.91 -9.23 2.13
C LYS B 27 24.48 -9.77 3.49
N LYS B 28 23.25 -10.29 3.56
CA LYS B 28 22.67 -10.83 4.79
C LYS B 28 22.33 -9.77 5.84
N GLY B 29 22.44 -8.50 5.46
CA GLY B 29 22.13 -7.44 6.41
C GLY B 29 20.64 -7.25 6.63
N GLY B 30 19.85 -7.66 5.64
CA GLY B 30 18.41 -7.49 5.70
C GLY B 30 17.98 -6.62 4.53
N THR B 31 18.66 -6.77 3.40
CA THR B 31 18.36 -5.99 2.21
C THR B 31 17.03 -6.30 1.55
N ARG B 32 16.61 -7.57 1.53
CA ARG B 32 15.34 -7.91 0.91
C ARG B 32 14.20 -7.35 1.74
N ALA B 33 14.28 -7.54 3.06
CA ALA B 33 13.25 -7.04 3.95
C ALA B 33 13.05 -5.52 3.76
N LEU B 34 14.15 -4.78 3.79
CA LEU B 34 14.06 -3.33 3.62
C LEU B 34 13.37 -2.94 2.31
N LEU B 35 13.80 -3.54 1.22
CA LEU B 35 13.20 -3.20 -0.08
C LEU B 35 11.72 -3.56 -0.15
N GLU B 36 11.36 -4.74 0.35
CA GLU B 36 9.95 -5.14 0.32
C GLU B 36 9.07 -4.23 1.16
N PHE B 37 9.62 -3.73 2.27
CA PHE B 37 8.86 -2.82 3.11
C PHE B 37 8.73 -1.46 2.42
N LEU B 38 9.79 -1.01 1.77
CA LEU B 38 9.75 0.27 1.09
C LEU B 38 8.75 0.27 -0.06
N ARG B 39 8.63 -0.86 -0.74
CA ARG B 39 7.72 -0.99 -1.88
C ARG B 39 6.25 -0.74 -1.53
N VAL B 40 5.93 -0.74 -0.25
CA VAL B 40 4.55 -0.48 0.17
C VAL B 40 4.22 0.98 -0.09
N HIS B 41 5.24 1.83 -0.05
CA HIS B 41 5.05 3.27 -0.26
C HIS B 41 4.56 3.58 -1.67
N PRO B 42 3.52 4.43 -1.79
CA PRO B 42 3.02 4.74 -3.12
C PRO B 42 4.03 5.47 -4.03
N ASP B 43 5.07 6.05 -3.44
CA ASP B 43 6.09 6.77 -4.22
C ASP B 43 7.39 5.99 -4.44
N VAL B 44 7.31 4.67 -4.34
CA VAL B 44 8.48 3.82 -4.55
C VAL B 44 8.19 2.71 -5.57
N ARG B 45 9.06 2.58 -6.57
CA ARG B 45 8.92 1.55 -7.58
C ARG B 45 10.32 0.95 -7.65
N ALA B 46 10.42 -0.38 -7.59
CA ALA B 46 11.72 -1.01 -7.59
C ALA B 46 11.82 -2.25 -8.46
N VAL B 47 13.05 -2.59 -8.82
CA VAL B 47 13.30 -3.79 -9.61
C VAL B 47 13.13 -4.93 -8.63
N GLY B 48 12.43 -5.98 -9.03
CA GLY B 48 12.23 -7.13 -8.16
C GLY B 48 13.50 -7.90 -7.85
N ALA B 49 14.22 -8.30 -8.90
CA ALA B 49 15.45 -9.05 -8.69
C ALA B 49 16.63 -8.13 -8.44
N GLU B 50 17.78 -8.73 -8.11
CA GLU B 50 19.00 -7.97 -7.90
C GLU B 50 19.62 -7.81 -9.28
N PRO B 51 19.72 -6.56 -9.78
CA PRO B 51 20.30 -6.31 -11.10
C PRO B 51 21.76 -6.73 -11.27
N HIS B 52 22.58 -6.52 -10.24
CA HIS B 52 24.00 -6.85 -10.32
C HIS B 52 24.58 -6.20 -11.56
N PHE B 53 24.20 -4.95 -11.76
CA PHE B 53 24.67 -4.19 -12.92
C PHE B 53 26.07 -3.66 -12.69
N PHE B 54 26.27 -2.93 -11.60
CA PHE B 54 27.58 -2.34 -11.32
C PHE B 54 28.70 -3.31 -11.00
N ASP B 55 28.35 -4.57 -10.72
CA ASP B 55 29.37 -5.55 -10.42
C ASP B 55 29.53 -6.61 -11.51
N ARG B 56 28.42 -7.12 -12.04
CA ARG B 56 28.47 -8.17 -13.06
C ARG B 56 28.11 -7.86 -14.51
N SER B 57 27.19 -6.94 -14.74
CA SER B 57 26.76 -6.66 -16.10
C SER B 57 27.01 -5.22 -16.56
N TYR B 58 28.02 -4.59 -15.97
CA TYR B 58 28.31 -3.20 -16.33
C TYR B 58 28.54 -3.02 -17.81
N ASP B 59 29.09 -4.04 -18.46
CA ASP B 59 29.37 -3.96 -19.90
C ASP B 59 28.12 -3.77 -20.73
N LYS B 60 26.96 -4.04 -20.15
CA LYS B 60 25.72 -3.89 -20.89
C LYS B 60 25.30 -2.42 -21.04
N GLY B 61 25.94 -1.53 -20.28
CA GLY B 61 25.64 -0.11 -20.38
C GLY B 61 24.43 0.39 -19.62
N LEU B 62 24.41 1.70 -19.36
CA LEU B 62 23.32 2.34 -18.63
C LEU B 62 21.95 2.23 -19.27
N ALA B 63 21.90 2.12 -20.60
CA ALA B 63 20.63 2.02 -21.29
C ALA B 63 19.94 0.70 -20.93
N TRP B 64 20.71 -0.37 -20.92
CA TRP B 64 20.19 -1.69 -20.57
C TRP B 64 19.73 -1.63 -19.11
N TYR B 65 20.53 -0.97 -18.29
CA TYR B 65 20.23 -0.82 -16.87
C TYR B 65 18.91 -0.06 -16.70
N ARG B 66 18.79 1.06 -17.38
CA ARG B 66 17.59 1.87 -17.31
C ARG B 66 16.35 1.08 -17.74
N ASP B 67 16.49 0.27 -18.78
CA ASP B 67 15.36 -0.51 -19.27
C ASP B 67 14.87 -1.59 -18.31
N LEU B 68 15.70 -1.94 -17.32
CA LEU B 68 15.33 -2.94 -16.32
C LEU B 68 14.42 -2.31 -15.26
N MET B 69 14.46 -0.98 -15.20
CA MET B 69 13.67 -0.25 -14.22
C MET B 69 12.20 -0.22 -14.57
N PRO B 70 11.34 -0.15 -13.54
CA PRO B 70 9.90 -0.10 -13.80
C PRO B 70 9.56 1.33 -14.21
N ARG B 71 8.45 1.52 -14.92
CA ARG B 71 8.06 2.86 -15.33
C ARG B 71 7.49 3.59 -14.11
N THR B 72 7.89 4.84 -13.92
CA THR B 72 7.41 5.61 -12.79
C THR B 72 6.68 6.87 -13.21
N LEU B 73 5.83 7.37 -12.32
CA LEU B 73 5.09 8.61 -12.55
C LEU B 73 5.88 9.68 -11.80
N ASP B 74 5.73 10.94 -12.20
CA ASP B 74 6.46 11.99 -11.51
C ASP B 74 6.21 11.91 -10.00
N GLY B 75 7.26 12.06 -9.22
CA GLY B 75 7.14 11.99 -7.77
C GLY B 75 7.59 10.64 -7.22
N GLN B 76 7.53 9.61 -8.05
CA GLN B 76 7.94 8.28 -7.61
C GLN B 76 9.44 8.09 -7.74
N ILE B 77 10.02 7.39 -6.77
CA ILE B 77 11.45 7.12 -6.79
C ILE B 77 11.67 5.73 -7.35
N THR B 78 12.76 5.58 -8.11
CA THR B 78 13.12 4.30 -8.70
C THR B 78 14.27 3.72 -7.89
N MET B 79 14.15 2.45 -7.47
CA MET B 79 15.19 1.83 -6.66
C MET B 79 15.49 0.39 -7.08
N GLU B 80 16.62 -0.12 -6.57
CA GLU B 80 17.05 -1.49 -6.80
C GLU B 80 17.96 -1.83 -5.64
N LYS B 81 18.19 -3.11 -5.41
CA LYS B 81 19.11 -3.52 -4.36
C LYS B 81 19.97 -4.67 -4.87
N THR B 82 21.27 -4.55 -4.64
CA THR B 82 22.24 -5.58 -5.00
C THR B 82 23.19 -5.54 -3.82
N PRO B 83 23.10 -6.53 -2.92
CA PRO B 83 23.96 -6.58 -1.73
C PRO B 83 25.46 -6.53 -1.96
N SER B 84 25.91 -7.07 -3.09
CA SER B 84 27.35 -7.10 -3.40
C SER B 84 28.00 -5.78 -3.78
N TYR B 85 27.21 -4.79 -4.16
CA TYR B 85 27.76 -3.49 -4.55
C TYR B 85 28.73 -2.91 -3.52
N PHE B 86 28.33 -2.95 -2.26
CA PHE B 86 29.12 -2.40 -1.16
C PHE B 86 30.59 -2.86 -1.13
N VAL B 87 30.84 -4.11 -1.52
CA VAL B 87 32.20 -4.63 -1.51
C VAL B 87 32.76 -4.85 -2.91
N THR B 88 32.16 -4.16 -3.89
CA THR B 88 32.60 -4.25 -5.26
C THR B 88 33.54 -3.09 -5.54
N ARG B 89 34.78 -3.45 -5.87
CA ARG B 89 35.85 -2.48 -6.13
C ARG B 89 35.47 -1.25 -6.96
N GLU B 90 34.95 -1.48 -8.16
CA GLU B 90 34.60 -0.40 -9.08
C GLU B 90 33.23 0.24 -8.87
N ALA B 91 32.39 -0.34 -8.02
CA ALA B 91 31.04 0.17 -7.79
C ALA B 91 30.96 1.68 -7.47
N PRO B 92 31.72 2.15 -6.47
CA PRO B 92 31.68 3.57 -6.12
C PRO B 92 31.92 4.51 -7.31
N ALA B 93 32.95 4.25 -8.10
CA ALA B 93 33.25 5.08 -9.25
C ALA B 93 32.17 5.00 -10.30
N ARG B 94 31.67 3.79 -10.55
CA ARG B 94 30.64 3.59 -11.56
C ARG B 94 29.31 4.23 -11.20
N ILE B 95 28.84 4.04 -9.98
CA ILE B 95 27.57 4.64 -9.59
C ILE B 95 27.71 6.16 -9.64
N SER B 96 28.89 6.66 -9.26
CA SER B 96 29.13 8.10 -9.28
C SER B 96 29.11 8.66 -10.70
N ALA B 97 29.62 7.88 -11.66
CA ALA B 97 29.64 8.33 -13.04
C ALA B 97 28.20 8.37 -13.59
N MET B 98 27.35 7.48 -13.11
CA MET B 98 25.96 7.48 -13.57
C MET B 98 25.34 8.78 -13.06
N SER B 99 25.51 9.05 -11.76
CA SER B 99 25.02 10.26 -11.15
C SER B 99 25.66 10.50 -9.80
N LYS B 100 26.31 11.65 -9.67
CA LYS B 100 26.98 12.01 -8.44
C LYS B 100 26.00 12.20 -7.28
N ASP B 101 24.74 12.46 -7.61
CA ASP B 101 23.72 12.71 -6.60
C ASP B 101 22.98 11.47 -6.09
N THR B 102 23.33 10.30 -6.62
CA THR B 102 22.67 9.07 -6.22
C THR B 102 22.70 8.87 -4.70
N LYS B 103 21.57 8.48 -4.12
CA LYS B 103 21.52 8.22 -2.69
C LYS B 103 21.80 6.73 -2.48
N LEU B 104 22.54 6.43 -1.42
CA LEU B 104 22.94 5.06 -1.14
C LEU B 104 22.49 4.60 0.24
N ILE B 105 21.97 3.38 0.32
CA ILE B 105 21.52 2.83 1.58
C ILE B 105 22.28 1.54 1.87
N VAL B 106 22.76 1.41 3.10
CA VAL B 106 23.50 0.22 3.52
C VAL B 106 22.85 -0.36 4.77
N VAL B 107 22.32 -1.58 4.65
CA VAL B 107 21.71 -2.24 5.80
C VAL B 107 22.81 -3.06 6.43
N VAL B 108 23.26 -2.65 7.62
CA VAL B 108 24.33 -3.35 8.29
C VAL B 108 23.83 -4.24 9.41
N ARG B 109 24.67 -5.17 9.80
CA ARG B 109 24.34 -6.15 10.83
C ARG B 109 25.58 -6.54 11.59
N ASP B 110 25.40 -7.00 12.81
CA ASP B 110 26.51 -7.44 13.65
C ASP B 110 27.35 -8.35 12.75
N PRO B 111 28.59 -7.93 12.43
CA PRO B 111 29.53 -8.68 11.58
C PRO B 111 29.64 -10.17 11.89
N VAL B 112 29.48 -10.53 13.15
CA VAL B 112 29.57 -11.95 13.54
C VAL B 112 28.34 -12.73 13.09
N THR B 113 27.15 -12.21 13.39
CA THR B 113 25.93 -12.90 12.97
C THR B 113 25.80 -12.80 11.44
N ARG B 114 26.30 -11.71 10.87
CA ARG B 114 26.24 -11.56 9.42
C ARG B 114 27.11 -12.64 8.79
N ALA B 115 28.29 -12.86 9.35
CA ALA B 115 29.21 -13.87 8.82
C ALA B 115 28.60 -15.27 8.94
N ILE B 116 27.99 -15.55 10.08
CA ILE B 116 27.37 -16.87 10.30
C ILE B 116 26.18 -17.05 9.36
N SER B 117 25.43 -15.96 9.13
CA SER B 117 24.28 -16.02 8.23
C SER B 117 24.76 -16.31 6.81
N ASP B 118 25.82 -15.61 6.41
CA ASP B 118 26.42 -15.79 5.08
C ASP B 118 26.81 -17.26 4.93
N TYR B 119 27.54 -17.78 5.91
CA TYR B 119 27.98 -19.18 5.89
C TYR B 119 26.79 -20.15 5.77
N THR B 120 25.77 -19.90 6.58
CA THR B 120 24.57 -20.73 6.58
C THR B 120 23.92 -20.75 5.20
N GLN B 121 23.88 -19.61 4.52
CA GLN B 121 23.29 -19.55 3.19
C GLN B 121 24.05 -20.49 2.26
N THR B 122 25.37 -20.36 2.26
CA THR B 122 26.18 -21.21 1.39
C THR B 122 25.98 -22.66 1.78
N LEU B 123 25.91 -22.92 3.08
CA LEU B 123 25.71 -24.26 3.60
C LEU B 123 24.45 -24.91 3.02
N SER B 124 23.40 -24.11 2.88
CA SER B 124 22.12 -24.61 2.36
C SER B 124 22.22 -25.00 0.89
N LYS B 125 23.25 -24.49 0.20
CA LYS B 125 23.42 -24.80 -1.20
C LYS B 125 24.58 -25.76 -1.44
N ARG B 126 25.52 -25.75 -0.50
CA ARG B 126 26.70 -26.63 -0.55
C ARG B 126 26.82 -27.22 0.85
N PRO B 127 26.03 -28.27 1.13
CA PRO B 127 25.99 -28.96 2.43
C PRO B 127 27.26 -29.66 2.89
N ASP B 128 28.22 -29.90 2.01
CA ASP B 128 29.44 -30.59 2.43
C ASP B 128 30.68 -29.71 2.64
N ILE B 129 30.49 -28.40 2.75
CA ILE B 129 31.62 -27.51 2.98
C ILE B 129 32.13 -27.69 4.42
N PRO B 130 33.36 -27.24 4.71
CA PRO B 130 33.88 -27.38 6.07
C PRO B 130 33.09 -26.54 7.07
N THR B 131 33.34 -26.78 8.35
CA THR B 131 32.64 -26.06 9.41
C THR B 131 33.01 -24.58 9.44
N PHE B 132 32.12 -23.79 10.03
CA PHE B 132 32.36 -22.35 10.15
C PHE B 132 33.66 -22.13 10.92
N GLU B 133 33.84 -22.86 12.03
CA GLU B 133 35.05 -22.72 12.83
C GLU B 133 36.28 -22.98 11.96
N SER B 134 36.17 -23.99 11.11
CA SER B 134 37.24 -24.37 10.21
C SER B 134 37.68 -23.23 9.30
N LEU B 135 36.74 -22.70 8.53
CA LEU B 135 37.02 -21.62 7.60
C LEU B 135 37.40 -20.29 8.25
N THR B 136 37.04 -20.13 9.52
CA THR B 136 37.35 -18.90 10.24
C THR B 136 38.83 -18.66 10.49
N PHE B 137 39.58 -19.73 10.71
CA PHE B 137 40.99 -19.61 11.00
C PHE B 137 41.96 -20.03 9.91
N LYS B 138 43.01 -19.23 9.78
CA LYS B 138 44.08 -19.48 8.84
C LYS B 138 44.98 -20.43 9.64
N ASN B 139 45.02 -20.18 10.94
CA ASN B 139 45.79 -21.01 11.89
C ASN B 139 45.01 -20.98 13.20
N ARG B 140 44.28 -22.07 13.49
CA ARG B 140 43.47 -22.18 14.69
C ARG B 140 44.21 -21.93 16.01
N THR B 141 45.28 -22.69 16.23
CA THR B 141 46.06 -22.57 17.46
C THR B 141 46.54 -21.13 17.73
N ALA B 142 47.25 -20.55 16.76
CA ALA B 142 47.76 -19.18 16.92
C ALA B 142 46.61 -18.18 16.96
N GLY B 143 45.42 -18.63 16.56
CA GLY B 143 44.27 -17.75 16.56
C GLY B 143 44.30 -16.83 15.36
N LEU B 144 45.05 -17.22 14.33
CA LEU B 144 45.15 -16.42 13.11
C LEU B 144 43.88 -16.55 12.28
N ILE B 145 43.12 -15.45 12.21
CA ILE B 145 41.88 -15.41 11.47
C ILE B 145 42.15 -15.21 9.98
N ASP B 146 41.46 -15.97 9.14
CA ASP B 146 41.63 -15.84 7.70
C ASP B 146 40.73 -14.72 7.20
N THR B 147 41.30 -13.52 7.13
CA THR B 147 40.54 -12.36 6.68
C THR B 147 40.29 -12.34 5.18
N SER B 148 40.88 -13.29 4.46
CA SER B 148 40.67 -13.36 3.02
C SER B 148 39.35 -14.05 2.74
N TRP B 149 38.83 -14.76 3.74
CA TRP B 149 37.55 -15.46 3.57
C TRP B 149 36.42 -14.42 3.45
N SER B 150 35.67 -14.47 2.35
CA SER B 150 34.60 -13.51 2.10
C SER B 150 33.64 -13.25 3.26
N ALA B 151 33.24 -14.31 3.97
CA ALA B 151 32.32 -14.14 5.09
C ALA B 151 32.86 -13.20 6.18
N ILE B 152 34.17 -13.18 6.34
CA ILE B 152 34.78 -12.30 7.34
C ILE B 152 35.01 -10.92 6.74
N GLN B 153 35.54 -10.91 5.53
CA GLN B 153 35.86 -9.69 4.79
C GLN B 153 34.69 -8.71 4.61
N ILE B 154 33.54 -9.22 4.23
CA ILE B 154 32.37 -8.38 4.02
C ILE B 154 32.03 -7.59 5.28
N GLY B 155 32.25 -8.21 6.44
CA GLY B 155 31.93 -7.56 7.70
C GLY B 155 32.83 -6.42 8.17
N ILE B 156 33.94 -6.17 7.47
CA ILE B 156 34.83 -5.08 7.87
C ILE B 156 34.30 -3.81 7.18
N TYR B 157 33.11 -3.38 7.63
CA TYR B 157 32.39 -2.23 7.07
C TYR B 157 33.19 -0.94 6.91
N ALA B 158 33.94 -0.57 7.94
CA ALA B 158 34.71 0.66 7.90
C ALA B 158 35.66 0.75 6.71
N LYS B 159 36.34 -0.35 6.41
CA LYS B 159 37.28 -0.33 5.29
C LYS B 159 36.60 -0.23 3.93
N HIS B 160 35.44 -0.88 3.79
CA HIS B 160 34.73 -0.78 2.52
C HIS B 160 34.16 0.63 2.43
N LEU B 161 33.71 1.17 3.57
CA LEU B 161 33.13 2.49 3.59
C LEU B 161 34.09 3.58 3.10
N GLU B 162 35.37 3.43 3.42
CA GLU B 162 36.36 4.43 3.00
C GLU B 162 36.39 4.53 1.48
N HIS B 163 36.19 3.41 0.79
CA HIS B 163 36.18 3.40 -0.66
C HIS B 163 35.00 4.20 -1.21
N TRP B 164 33.87 4.12 -0.53
CA TRP B 164 32.68 4.84 -0.97
C TRP B 164 32.78 6.35 -0.70
N LEU B 165 33.40 6.71 0.42
CA LEU B 165 33.53 8.10 0.77
C LEU B 165 34.49 8.87 -0.14
N ARG B 166 35.22 8.16 -1.01
CA ARG B 166 36.13 8.81 -1.95
C ARG B 166 35.36 9.25 -3.18
N HIS B 167 34.08 8.87 -3.25
CA HIS B 167 33.23 9.22 -4.37
C HIS B 167 31.88 9.80 -3.94
N PHE B 168 31.53 9.65 -2.67
CA PHE B 168 30.27 10.15 -2.18
C PHE B 168 30.39 10.79 -0.81
N PRO B 169 29.63 11.88 -0.59
CA PRO B 169 29.68 12.54 0.71
C PRO B 169 28.82 11.70 1.66
N ILE B 170 29.26 11.54 2.90
CA ILE B 170 28.54 10.74 3.88
C ILE B 170 27.06 11.10 3.98
N ARG B 171 26.72 12.34 3.64
CA ARG B 171 25.34 12.79 3.71
C ARG B 171 24.42 12.08 2.71
N GLN B 172 25.01 11.56 1.62
CA GLN B 172 24.23 10.84 0.62
C GLN B 172 24.20 9.34 0.90
N MET B 173 24.58 8.96 2.11
CA MET B 173 24.58 7.56 2.49
C MET B 173 23.79 7.38 3.78
N LEU B 174 23.00 6.31 3.83
CA LEU B 174 22.20 6.01 5.02
C LEU B 174 22.55 4.61 5.52
N PHE B 175 22.85 4.49 6.81
CA PHE B 175 23.19 3.19 7.38
C PHE B 175 22.07 2.71 8.27
N VAL B 176 21.40 1.66 7.79
CA VAL B 176 20.26 1.07 8.46
C VAL B 176 20.64 -0.08 9.38
N SER B 177 20.16 -0.02 10.61
CA SER B 177 20.43 -1.06 11.59
C SER B 177 19.62 -2.31 11.26
N GLY B 178 20.30 -3.38 10.89
CA GLY B 178 19.63 -4.62 10.57
C GLY B 178 18.88 -5.19 11.77
N GLU B 179 19.45 -4.96 12.95
CA GLU B 179 18.82 -5.45 14.18
C GLU B 179 17.50 -4.69 14.44
N ARG B 180 17.55 -3.37 14.35
CA ARG B 180 16.35 -2.55 14.58
C ARG B 180 15.30 -2.79 13.50
N LEU B 181 15.74 -3.15 12.30
CA LEU B 181 14.79 -3.41 11.23
C LEU B 181 13.90 -4.57 11.65
N ILE B 182 14.46 -5.49 12.42
CA ILE B 182 13.73 -6.66 12.91
C ILE B 182 12.89 -6.34 14.14
N SER B 183 13.48 -5.62 15.08
CA SER B 183 12.79 -5.27 16.33
C SER B 183 11.77 -4.16 16.20
N ASP B 184 12.04 -3.19 15.33
CA ASP B 184 11.12 -2.06 15.13
C ASP B 184 11.19 -1.58 13.69
N PRO B 185 10.60 -2.35 12.76
CA PRO B 185 10.62 -1.98 11.34
C PRO B 185 10.01 -0.61 11.03
N ALA B 186 8.87 -0.31 11.65
CA ALA B 186 8.22 0.97 11.42
C ALA B 186 9.17 2.09 11.86
N GLY B 187 9.89 1.87 12.96
CA GLY B 187 10.83 2.85 13.44
C GLY B 187 11.93 3.11 12.43
N GLU B 188 12.55 2.05 11.94
CA GLU B 188 13.61 2.18 10.93
C GLU B 188 13.08 2.83 9.66
N LEU B 189 11.96 2.32 9.16
CA LEU B 189 11.39 2.85 7.93
C LEU B 189 11.11 4.35 8.02
N GLY B 190 10.94 4.84 9.25
CA GLY B 190 10.72 6.26 9.43
C GLY B 190 11.96 7.01 8.97
N ARG B 191 13.12 6.58 9.43
CA ARG B 191 14.39 7.21 9.05
C ARG B 191 14.61 7.10 7.54
N VAL B 192 14.37 5.92 7.00
CA VAL B 192 14.58 5.68 5.58
C VAL B 192 13.76 6.61 4.70
N GLN B 193 12.46 6.72 5.00
CA GLN B 193 11.59 7.58 4.21
C GLN B 193 12.07 9.03 4.26
N ASP B 194 12.47 9.50 5.44
CA ASP B 194 12.96 10.88 5.56
C ASP B 194 14.19 11.06 4.67
N PHE B 195 15.13 10.12 4.78
CA PHE B 195 16.35 10.14 4.00
C PHE B 195 16.04 10.20 2.52
N LEU B 196 15.06 9.42 2.09
CA LEU B 196 14.68 9.39 0.69
C LEU B 196 13.79 10.54 0.24
N GLY B 197 13.43 11.42 1.17
CA GLY B 197 12.57 12.54 0.80
C GLY B 197 11.14 12.10 0.55
N LEU B 198 10.75 10.98 1.16
CA LEU B 198 9.41 10.44 1.02
C LEU B 198 8.59 10.77 2.25
N LYS B 199 7.30 11.04 2.04
CA LYS B 199 6.41 11.34 3.15
C LYS B 199 6.34 10.07 4.00
N ARG B 200 6.32 10.22 5.32
CA ARG B 200 6.25 9.05 6.18
C ARG B 200 4.85 8.45 6.11
N ILE B 201 4.73 7.38 5.34
CA ILE B 201 3.45 6.68 5.16
C ILE B 201 3.53 5.30 5.78
N ILE B 202 4.62 4.58 5.48
CA ILE B 202 4.80 3.25 6.04
C ILE B 202 4.88 3.43 7.55
N THR B 203 4.00 2.75 8.27
CA THR B 203 3.96 2.90 9.72
C THR B 203 3.73 1.57 10.45
N ASP B 204 3.52 1.66 11.76
CA ASP B 204 3.30 0.47 12.56
C ASP B 204 2.21 -0.47 12.07
N LYS B 205 1.10 0.10 11.61
CA LYS B 205 -0.03 -0.69 11.12
C LYS B 205 0.28 -1.56 9.90
N HIS B 206 1.35 -1.22 9.19
CA HIS B 206 1.72 -2.00 8.00
C HIS B 206 2.39 -3.33 8.35
N PHE B 207 2.70 -3.52 9.63
CA PHE B 207 3.37 -4.75 10.07
C PHE B 207 2.55 -5.63 10.98
N TYR B 208 2.87 -6.92 10.93
CA TYR B 208 2.19 -7.96 11.69
C TYR B 208 3.26 -8.95 12.11
N PHE B 209 3.41 -9.20 13.41
CA PHE B 209 4.42 -10.15 13.86
C PHE B 209 3.95 -11.59 13.72
N ASN B 210 4.70 -12.39 12.97
CA ASN B 210 4.39 -13.80 12.74
C ASN B 210 5.15 -14.65 13.76
N LYS B 211 4.43 -15.14 14.77
CA LYS B 211 5.02 -15.96 15.83
C LYS B 211 5.70 -17.23 15.30
N THR B 212 5.09 -17.84 14.29
CA THR B 212 5.66 -19.06 13.72
C THR B 212 6.99 -18.78 13.03
N LYS B 213 7.04 -17.74 12.19
CA LYS B 213 8.29 -17.41 11.51
C LYS B 213 9.27 -16.68 12.42
N GLY B 214 8.75 -15.95 13.39
CA GLY B 214 9.63 -15.24 14.32
C GLY B 214 10.16 -13.91 13.83
N PHE B 215 9.55 -13.38 12.78
CA PHE B 215 9.95 -12.09 12.23
C PHE B 215 8.72 -11.28 11.88
N PRO B 216 8.86 -9.96 11.77
CA PRO B 216 7.65 -9.22 11.40
C PRO B 216 7.33 -9.50 9.94
N CYS B 217 6.08 -9.34 9.55
CA CYS B 217 5.67 -9.55 8.17
C CYS B 217 4.83 -8.34 7.80
N LEU B 218 4.51 -8.19 6.52
CA LEU B 218 3.69 -7.08 6.09
C LEU B 218 2.24 -7.51 6.16
N LYS B 219 1.38 -6.62 6.65
CA LYS B 219 -0.04 -6.92 6.75
C LYS B 219 -0.55 -7.01 5.31
N LYS B 220 0.00 -6.15 4.45
CA LYS B 220 -0.33 -6.12 3.02
C LYS B 220 0.95 -5.84 2.24
N ALA B 221 1.25 -6.69 1.27
CA ALA B 221 2.44 -6.48 0.46
C ALA B 221 2.06 -5.62 -0.74
N GLU B 222 3.08 -5.03 -1.37
CA GLU B 222 2.84 -4.21 -2.54
C GLU B 222 2.03 -4.98 -3.57
N GLY B 223 0.99 -4.33 -4.08
CA GLY B 223 0.14 -4.95 -5.08
C GLY B 223 -0.64 -6.18 -4.65
N SER B 224 -0.61 -6.50 -3.37
CA SER B 224 -1.32 -7.66 -2.84
C SER B 224 -2.18 -7.30 -1.63
N SER B 225 -3.39 -7.84 -1.58
CA SER B 225 -4.31 -7.55 -0.49
C SER B 225 -4.09 -8.45 0.72
N ARG B 226 -3.39 -9.55 0.53
CA ARG B 226 -3.14 -10.49 1.63
C ARG B 226 -1.78 -10.26 2.29
N PRO B 227 -1.60 -10.79 3.52
CA PRO B 227 -0.34 -10.64 4.24
C PRO B 227 0.84 -11.17 3.44
N HIS B 228 2.04 -11.00 3.97
CA HIS B 228 3.22 -11.47 3.29
C HIS B 228 4.46 -11.46 4.16
N CYS B 229 4.98 -12.66 4.44
CA CYS B 229 6.19 -12.82 5.23
C CYS B 229 7.25 -13.11 4.18
N LEU B 230 8.52 -12.95 4.54
CA LEU B 230 9.58 -13.26 3.60
C LEU B 230 9.65 -14.78 3.51
N GLY B 231 10.21 -15.29 2.42
CA GLY B 231 10.29 -16.73 2.22
C GLY B 231 11.19 -17.53 3.15
N LYS B 232 11.37 -18.80 2.81
CA LYS B 232 12.19 -19.73 3.59
C LYS B 232 13.67 -19.36 3.64
N THR B 233 14.17 -18.68 2.62
CA THR B 233 15.59 -18.32 2.59
C THR B 233 15.91 -17.08 3.41
N LYS B 234 14.88 -16.47 4.00
CA LYS B 234 15.07 -15.28 4.82
C LYS B 234 14.68 -15.58 6.26
N GLY B 235 15.69 -15.69 7.11
CA GLY B 235 15.44 -16.00 8.51
C GLY B 235 15.77 -17.46 8.76
N ARG B 236 16.92 -17.90 8.27
CA ARG B 236 17.37 -19.29 8.44
C ARG B 236 17.85 -19.55 9.87
N THR B 237 17.73 -20.79 10.30
CA THR B 237 18.23 -21.15 11.63
C THR B 237 19.73 -21.33 11.47
N HIS B 238 20.51 -20.69 12.34
CA HIS B 238 21.95 -20.78 12.28
C HIS B 238 22.49 -21.96 13.07
N PRO B 239 23.58 -22.59 12.58
CA PRO B 239 24.13 -23.71 13.32
C PRO B 239 24.83 -23.13 14.56
N GLU B 240 24.93 -23.93 15.62
CA GLU B 240 25.58 -23.45 16.83
C GLU B 240 27.07 -23.33 16.53
N ILE B 241 27.65 -22.20 16.94
CA ILE B 241 29.08 -21.98 16.71
C ILE B 241 29.83 -22.04 18.04
N ASP B 242 31.01 -22.65 18.04
CA ASP B 242 31.84 -22.76 19.24
C ASP B 242 31.96 -21.40 19.92
N ARG B 243 31.73 -21.35 21.23
CA ARG B 243 31.79 -20.10 21.98
C ARG B 243 33.14 -19.39 21.86
N GLU B 244 34.23 -20.14 21.92
CA GLU B 244 35.55 -19.53 21.83
C GLU B 244 35.75 -18.87 20.46
N VAL B 245 35.26 -19.51 19.41
CA VAL B 245 35.40 -18.96 18.07
C VAL B 245 34.58 -17.67 17.95
N VAL B 246 33.37 -17.67 18.49
CA VAL B 246 32.54 -16.48 18.44
C VAL B 246 33.24 -15.36 19.20
N ARG B 247 33.84 -15.67 20.35
CA ARG B 247 34.53 -14.64 21.13
C ARG B 247 35.71 -14.05 20.38
N ARG B 248 36.48 -14.90 19.69
CA ARG B 248 37.62 -14.42 18.93
C ARG B 248 37.18 -13.55 17.75
N LEU B 249 36.05 -13.89 17.14
CA LEU B 249 35.56 -13.12 16.01
C LEU B 249 35.06 -11.75 16.48
N ARG B 250 34.38 -11.72 17.63
CA ARG B 250 33.89 -10.46 18.15
C ARG B 250 35.08 -9.59 18.53
N GLU B 251 36.15 -10.24 18.98
CA GLU B 251 37.36 -9.54 19.37
C GLU B 251 38.00 -8.94 18.11
N PHE B 252 37.95 -9.68 17.01
CA PHE B 252 38.51 -9.21 15.76
C PHE B 252 37.78 -7.99 15.21
N TYR B 253 36.44 -8.03 15.24
CA TYR B 253 35.64 -6.93 14.69
C TYR B 253 35.55 -5.67 15.54
N ARG B 254 35.64 -5.82 16.86
CA ARG B 254 35.52 -4.68 17.75
C ARG B 254 36.15 -3.37 17.28
N PRO B 255 37.47 -3.35 17.04
CA PRO B 255 38.10 -2.10 16.59
C PRO B 255 37.51 -1.53 15.31
N PHE B 256 37.23 -2.38 14.33
CA PHE B 256 36.64 -1.93 13.08
C PHE B 256 35.22 -1.41 13.31
N ASN B 257 34.48 -2.07 14.20
CA ASN B 257 33.11 -1.63 14.49
C ASN B 257 33.17 -0.23 15.09
N LEU B 258 34.10 -0.02 16.02
CA LEU B 258 34.25 1.27 16.67
C LEU B 258 34.54 2.39 15.66
N LYS B 259 35.38 2.09 14.67
CA LYS B 259 35.70 3.09 13.65
C LYS B 259 34.46 3.37 12.81
N PHE B 260 33.68 2.32 12.56
CA PHE B 260 32.46 2.45 11.78
C PHE B 260 31.44 3.31 12.53
N TYR B 261 31.36 3.14 13.84
CA TYR B 261 30.41 3.92 14.64
C TYR B 261 30.78 5.40 14.53
N GLN B 262 32.07 5.69 14.59
CA GLN B 262 32.53 7.07 14.48
C GLN B 262 32.32 7.62 13.08
N MET B 263 32.64 6.83 12.07
CA MET B 263 32.48 7.25 10.68
C MET B 263 31.02 7.55 10.32
N THR B 264 30.09 6.79 10.90
CA THR B 264 28.67 6.96 10.61
C THR B 264 27.94 7.82 11.63
N GLY B 265 28.60 8.11 12.75
CA GLY B 265 27.97 8.91 13.77
C GLY B 265 26.89 8.17 14.53
N HIS B 266 26.98 6.85 14.56
CA HIS B 266 26.00 6.03 15.25
C HIS B 266 26.55 4.72 15.79
N ASP B 267 26.21 4.42 17.04
CA ASP B 267 26.65 3.19 17.68
C ASP B 267 25.57 2.16 17.39
N PHE B 268 25.88 1.18 16.55
CA PHE B 268 24.91 0.14 16.21
C PHE B 268 24.74 -0.92 17.28
N GLY B 269 25.47 -0.75 18.38
CA GLY B 269 25.35 -1.66 19.51
C GLY B 269 25.84 -3.09 19.41
N TRP B 270 26.78 -3.37 18.51
CA TRP B 270 27.28 -4.73 18.40
C TRP B 270 28.36 -5.04 19.44
N ASP B 271 28.81 -4.01 20.14
CA ASP B 271 29.86 -4.20 21.13
C ASP B 271 29.45 -3.72 22.52
N GLY B 272 28.15 -3.79 22.82
CA GLY B 272 27.68 -3.37 24.13
C GLY B 272 26.97 -2.04 24.09
#